data_1RPI
#
_entry.id   1RPI
#
_cell.length_a   45.076
_cell.length_b   45.076
_cell.length_c   105.518
_cell.angle_alpha   90.00
_cell.angle_beta   90.00
_cell.angle_gamma   90.00
#
_symmetry.space_group_name_H-M   'P 41'
#
loop_
_entity.id
_entity.type
_entity.pdbx_description
1 polymer protease
2 non-polymer alpha-D-glucopyranose
3 water water
#
_entity_poly.entity_id   1
_entity_poly.type   'polypeptide(L)'
_entity_poly.pdbx_seq_one_letter_code
;PQITLWQRPIVTIKIGGQLKEALLNTGADDTVLEEVNLPGRWKPKLIGGIGGFVKVRQYDQVPIEICGHKVIGTVLVGPT
PANVIGRNLMTQIGCTLNF
;
_entity_poly.pdbx_strand_id   A,B
#
loop_
_chem_comp.id
_chem_comp.type
_chem_comp.name
_chem_comp.formula
GLC D-saccharide, alpha linking alpha-D-glucopyranose 'C6 H12 O6'
#
# COMPACT_ATOMS: atom_id res chain seq x y z
N PRO A 1 12.03 -1.87 -14.01
CA PRO A 1 12.27 -3.00 -13.12
C PRO A 1 11.01 -3.82 -12.86
N GLN A 2 11.20 -5.07 -12.48
CA GLN A 2 10.06 -5.87 -12.01
C GLN A 2 10.29 -6.21 -10.55
N ILE A 3 9.39 -5.76 -9.68
CA ILE A 3 9.62 -5.96 -8.25
C ILE A 3 8.60 -6.94 -7.69
N THR A 4 9.11 -8.08 -7.23
CA THR A 4 8.25 -9.07 -6.57
C THR A 4 7.93 -8.65 -5.15
N LEU A 5 6.84 -9.17 -4.57
CA LEU A 5 6.41 -8.65 -3.27
C LEU A 5 6.70 -9.56 -2.12
N TRP A 6 7.75 -10.40 -2.19
CA TRP A 6 8.07 -11.24 -1.05
C TRP A 6 8.57 -10.42 0.13
N GLN A 7 9.20 -9.30 -0.21
CA GLN A 7 9.70 -8.38 0.82
C GLN A 7 8.99 -7.05 0.65
N ARG A 8 9.06 -6.15 1.61
CA ARG A 8 8.53 -4.80 1.38
C ARG A 8 9.21 -4.14 0.18
N PRO A 9 8.45 -3.58 -0.75
CA PRO A 9 9.05 -2.96 -1.94
C PRO A 9 9.62 -1.58 -1.62
N ILE A 10 10.73 -1.57 -0.91
CA ILE A 10 11.39 -0.31 -0.54
C ILE A 10 12.39 0.09 -1.61
N VAL A 11 12.35 1.35 -2.05
CA VAL A 11 13.25 1.75 -3.12
C VAL A 11 14.01 3.03 -2.76
N THR A 12 15.01 3.32 -3.59
CA THR A 12 15.85 4.50 -3.44
C THR A 12 15.31 5.61 -4.35
N ILE A 13 15.09 6.77 -3.75
CA ILE A 13 14.67 7.95 -4.50
C ILE A 13 15.73 9.05 -4.35
N LYS A 14 15.75 9.90 -5.36
CA LYS A 14 16.61 11.07 -5.36
C LYS A 14 15.69 12.28 -5.26
N ILE A 15 15.79 13.06 -4.20
CA ILE A 15 14.95 14.25 -4.06
C ILE A 15 15.79 15.34 -3.38
N GLY A 16 15.59 16.57 -3.80
CA GLY A 16 16.43 17.67 -3.37
C GLY A 16 17.90 17.30 -3.43
N GLY A 17 18.32 16.54 -4.45
CA GLY A 17 19.67 16.03 -4.53
C GLY A 17 19.99 14.94 -3.52
N GLN A 18 19.25 14.84 -2.42
CA GLN A 18 19.44 13.88 -1.35
C GLN A 18 19.11 12.47 -1.82
N LEU A 19 19.80 11.47 -1.27
CA LEU A 19 19.38 10.11 -1.63
C LEU A 19 18.55 9.56 -0.47
N LYS A 20 17.34 9.07 -0.78
CA LYS A 20 16.49 8.58 0.30
C LYS A 20 15.85 7.24 -0.03
N GLU A 21 15.39 6.56 1.02
CA GLU A 21 14.75 5.26 0.96
C GLU A 21 13.24 5.37 1.06
N ALA A 22 12.47 4.73 0.20
CA ALA A 22 11.02 4.90 0.34
C ALA A 22 10.22 3.67 -0.09
N LEU A 23 9.01 3.54 0.45
CA LEU A 23 8.24 2.33 0.16
C LEU A 23 7.24 2.54 -0.96
N LEU A 24 7.19 1.62 -1.93
CA LEU A 24 6.16 1.75 -2.96
C LEU A 24 4.83 1.23 -2.41
N ASN A 25 3.95 2.17 -2.07
CA ASN A 25 2.67 1.87 -1.44
C ASN A 25 1.43 2.10 -2.29
N THR A 26 0.93 1.07 -2.97
CA THR A 26 -0.28 1.22 -3.79
C THR A 26 -1.53 1.49 -2.95
N GLY A 27 -1.44 1.22 -1.65
CA GLY A 27 -2.47 1.57 -0.70
C GLY A 27 -2.52 3.05 -0.41
N ALA A 28 -1.52 3.82 -0.86
CA ALA A 28 -1.51 5.25 -0.56
C ALA A 28 -1.82 6.10 -1.77
N ASP A 29 -2.70 7.11 -1.62
CA ASP A 29 -2.95 7.95 -2.79
C ASP A 29 -1.79 8.92 -3.07
N ASP A 30 -1.23 9.47 -2.00
CA ASP A 30 -0.23 10.53 -2.07
C ASP A 30 1.15 10.10 -1.61
N THR A 31 2.14 10.89 -2.01
CA THR A 31 3.52 10.73 -1.57
C THR A 31 3.81 11.62 -0.36
N VAL A 32 4.31 10.97 0.69
CA VAL A 32 4.61 11.66 1.95
C VAL A 32 6.05 11.34 2.34
N LEU A 33 6.79 12.41 2.66
CA LEU A 33 8.20 12.21 2.96
C LEU A 33 8.58 12.96 4.23
N GLU A 34 9.56 12.42 4.92
CA GLU A 34 10.25 13.00 6.05
C GLU A 34 10.52 14.47 5.79
N GLU A 35 10.62 15.28 6.83
CA GLU A 35 11.01 16.68 6.68
C GLU A 35 12.21 16.80 5.74
N VAL A 36 12.07 17.71 4.80
CA VAL A 36 13.01 18.09 3.77
C VAL A 36 12.76 19.56 3.42
N ASN A 37 13.84 20.30 3.25
CA ASN A 37 13.65 21.74 3.02
C ASN A 37 13.44 22.02 1.55
N LEU A 38 12.39 21.43 0.95
CA LEU A 38 12.14 21.70 -0.46
C LEU A 38 12.02 23.21 -0.66
N PRO A 39 12.56 23.76 -1.73
CA PRO A 39 12.46 25.21 -1.94
C PRO A 39 11.14 25.67 -2.52
N GLY A 40 10.83 26.95 -2.25
CA GLY A 40 9.76 27.65 -2.91
C GLY A 40 8.43 27.56 -2.22
N ARG A 41 7.36 27.94 -2.93
CA ARG A 41 6.06 27.96 -2.30
C ARG A 41 5.50 26.53 -2.10
N TRP A 42 4.60 26.50 -1.12
CA TRP A 42 3.85 25.34 -0.70
C TRP A 42 2.48 25.77 -0.15
N LYS A 43 1.66 24.76 -0.01
CA LYS A 43 0.26 24.75 0.35
C LYS A 43 0.06 23.91 1.60
N PRO A 44 -0.75 24.33 2.55
CA PRO A 44 -1.03 23.43 3.69
C PRO A 44 -1.90 22.29 3.19
N LYS A 45 -1.68 21.07 3.65
CA LYS A 45 -2.55 19.96 3.33
C LYS A 45 -2.86 19.14 4.58
N LEU A 46 -4.09 18.64 4.70
CA LEU A 46 -4.35 17.74 5.84
C LEU A 46 -4.28 16.31 5.32
N ILE A 47 -3.62 15.42 6.05
CA ILE A 47 -3.61 14.04 5.59
C ILE A 47 -4.06 13.14 6.74
N GLY A 48 -4.22 11.85 6.44
CA GLY A 48 -4.63 10.88 7.47
C GLY A 48 -6.12 11.04 7.71
N GLY A 49 -6.49 11.32 8.95
CA GLY A 49 -7.86 11.59 9.34
C GLY A 49 -8.38 10.75 10.48
N ILE A 50 -7.96 9.50 10.56
CA ILE A 50 -8.56 8.61 11.56
C ILE A 50 -7.99 8.92 12.93
N GLY A 51 -8.85 9.46 13.78
CA GLY A 51 -8.41 9.89 15.09
C GLY A 51 -7.97 11.35 15.04
N GLY A 52 -8.03 11.92 13.83
CA GLY A 52 -7.53 13.28 13.64
C GLY A 52 -6.67 13.34 12.38
N PHE A 53 -6.39 14.55 11.92
CA PHE A 53 -5.55 14.77 10.75
C PHE A 53 -4.14 15.22 11.11
N VAL A 54 -3.20 15.04 10.19
CA VAL A 54 -1.86 15.60 10.38
C VAL A 54 -1.65 16.69 9.33
N LYS A 55 -1.04 17.81 9.72
CA LYS A 55 -0.76 18.89 8.77
C LYS A 55 0.60 18.74 8.10
N VAL A 56 0.59 18.72 6.76
CA VAL A 56 1.87 18.59 6.07
C VAL A 56 2.01 19.77 5.10
N ARG A 57 3.14 19.81 4.40
CA ARG A 57 3.28 20.82 3.35
C ARG A 57 3.23 20.16 1.97
N GLN A 58 2.37 20.73 1.13
CA GLN A 58 2.20 20.25 -0.23
C GLN A 58 3.07 21.03 -1.21
N TYR A 59 4.04 20.37 -1.81
CA TYR A 59 4.88 20.95 -2.85
C TYR A 59 4.52 20.31 -4.20
N ASP A 60 4.21 21.13 -5.20
CA ASP A 60 3.88 20.67 -6.53
C ASP A 60 5.04 20.64 -7.52
N GLN A 61 4.91 19.74 -8.50
CA GLN A 61 5.81 19.63 -9.63
C GLN A 61 7.26 19.58 -9.18
N VAL A 62 7.48 18.71 -8.20
CA VAL A 62 8.81 18.47 -7.69
C VAL A 62 9.53 17.45 -8.58
N PRO A 63 10.79 17.73 -8.90
CA PRO A 63 11.56 16.77 -9.69
C PRO A 63 11.98 15.62 -8.77
N ILE A 64 11.70 14.39 -9.17
CA ILE A 64 12.21 13.32 -8.29
C ILE A 64 12.53 12.11 -9.15
N GLU A 65 13.53 11.34 -8.77
CA GLU A 65 13.99 10.17 -9.49
C GLU A 65 13.66 8.92 -8.67
N ILE A 66 13.10 7.92 -9.34
CA ILE A 66 12.74 6.68 -8.64
C ILE A 66 13.29 5.48 -9.39
N CYS A 67 14.28 4.81 -8.81
CA CYS A 67 14.91 3.68 -9.51
C CYS A 67 15.36 4.08 -10.91
N GLY A 68 16.02 5.23 -11.07
CA GLY A 68 16.45 5.63 -12.39
C GLY A 68 15.38 6.20 -13.28
N HIS A 69 14.25 6.65 -12.72
CA HIS A 69 13.26 7.34 -13.55
C HIS A 69 13.06 8.77 -13.00
N LYS A 70 13.53 9.73 -13.77
CA LYS A 70 13.33 11.14 -13.45
C LYS A 70 11.87 11.49 -13.65
N VAL A 71 11.22 11.97 -12.59
CA VAL A 71 9.79 12.28 -12.81
C VAL A 71 9.39 13.56 -12.11
N ILE A 72 8.18 14.04 -12.35
CA ILE A 72 7.73 15.31 -11.76
C ILE A 72 6.41 15.10 -11.04
N GLY A 73 6.28 15.60 -9.81
CA GLY A 73 4.99 15.39 -9.14
C GLY A 73 4.85 15.99 -7.77
N THR A 74 3.65 15.88 -7.22
CA THR A 74 3.39 16.42 -5.89
C THR A 74 4.01 15.57 -4.81
N VAL A 75 4.70 16.25 -3.90
CA VAL A 75 5.33 15.59 -2.75
C VAL A 75 4.83 16.28 -1.48
N LEU A 76 4.35 15.48 -0.53
CA LEU A 76 3.90 16.06 0.74
C LEU A 76 5.09 15.91 1.70
N VAL A 77 5.34 16.96 2.48
CA VAL A 77 6.51 16.91 3.35
C VAL A 77 6.06 17.19 4.79
N GLY A 78 6.34 16.21 5.63
CA GLY A 78 5.99 16.19 7.03
C GLY A 78 6.19 14.84 7.70
N PRO A 79 5.79 14.74 8.97
CA PRO A 79 6.02 13.52 9.74
C PRO A 79 5.36 12.31 9.09
N THR A 80 6.02 11.17 9.27
CA THR A 80 5.50 9.93 8.71
C THR A 80 6.43 8.80 9.18
N PRO A 81 5.83 7.76 9.73
CA PRO A 81 6.53 6.55 10.18
C PRO A 81 7.67 6.17 9.26
N ALA A 82 7.50 6.30 7.95
CA ALA A 82 8.59 6.32 6.99
C ALA A 82 8.13 6.95 5.68
N ASN A 83 9.07 7.31 4.82
CA ASN A 83 8.81 7.87 3.50
C ASN A 83 7.97 6.92 2.65
N VAL A 84 6.93 7.44 2.03
CA VAL A 84 6.06 6.61 1.21
C VAL A 84 5.88 7.21 -0.17
N ILE A 85 6.12 6.44 -1.22
CA ILE A 85 5.76 6.78 -2.57
C ILE A 85 4.33 6.28 -2.83
N GLY A 86 3.39 7.18 -3.07
CA GLY A 86 1.99 6.87 -3.33
C GLY A 86 1.67 6.67 -4.78
N ARG A 87 0.36 6.47 -5.08
CA ARG A 87 0.02 6.23 -6.48
C ARG A 87 0.29 7.43 -7.37
N ASN A 88 0.27 8.64 -6.82
CA ASN A 88 0.45 9.82 -7.68
C ASN A 88 1.78 9.74 -8.40
N LEU A 89 2.82 9.29 -7.71
CA LEU A 89 4.13 9.18 -8.35
C LEU A 89 4.29 7.88 -9.13
N MET A 90 3.63 6.82 -8.66
CA MET A 90 3.72 5.57 -9.43
C MET A 90 3.08 5.71 -10.79
N THR A 91 2.04 6.58 -10.92
CA THR A 91 1.53 6.74 -12.28
C THR A 91 2.56 7.49 -13.12
N GLN A 92 3.38 8.34 -12.48
CA GLN A 92 4.28 9.18 -13.27
C GLN A 92 5.42 8.33 -13.81
N ILE A 93 5.81 7.28 -13.07
CA ILE A 93 6.84 6.40 -13.61
C ILE A 93 6.21 5.27 -14.43
N GLY A 94 4.89 5.20 -14.52
CA GLY A 94 4.25 4.17 -15.33
C GLY A 94 4.39 2.82 -14.63
N CYS A 95 4.23 2.82 -13.32
CA CYS A 95 4.28 1.61 -12.50
C CYS A 95 2.92 0.95 -12.46
N THR A 96 2.83 -0.34 -12.75
CA THR A 96 1.55 -1.03 -12.69
C THR A 96 1.64 -2.32 -11.87
N LEU A 97 0.50 -2.79 -11.37
CA LEU A 97 0.42 -4.11 -10.74
C LEU A 97 0.16 -5.15 -11.83
N ASN A 98 0.92 -6.23 -11.88
CA ASN A 98 0.68 -7.21 -12.95
C ASN A 98 0.56 -8.62 -12.40
N PHE A 99 -0.43 -9.39 -12.83
CA PHE A 99 -0.42 -10.80 -12.41
C PHE A 99 -1.23 -11.64 -13.40
N PRO B 1 -3.72 -9.84 -15.60
CA PRO B 1 -4.25 -8.48 -15.79
C PRO B 1 -3.23 -7.41 -15.44
N GLN B 2 -3.29 -6.27 -16.11
CA GLN B 2 -2.45 -5.12 -15.77
C GLN B 2 -3.28 -4.02 -15.15
N ILE B 3 -2.97 -3.60 -13.92
CA ILE B 3 -3.80 -2.61 -13.25
C ILE B 3 -3.02 -1.31 -13.05
N THR B 4 -3.48 -0.24 -13.71
CA THR B 4 -2.80 1.05 -13.54
C THR B 4 -3.27 1.70 -12.26
N LEU B 5 -2.54 2.72 -11.83
CA LEU B 5 -2.73 3.22 -10.46
C LEU B 5 -3.35 4.60 -10.41
N TRP B 6 -4.01 5.01 -11.49
CA TRP B 6 -4.75 6.28 -11.49
C TRP B 6 -5.83 6.28 -10.41
N GLN B 7 -6.41 5.10 -10.20
CA GLN B 7 -7.43 4.95 -9.15
C GLN B 7 -6.92 3.97 -8.09
N ARG B 8 -7.57 3.95 -6.94
CA ARG B 8 -7.29 2.93 -5.93
C ARG B 8 -7.46 1.55 -6.54
N PRO B 9 -6.49 0.64 -6.43
CA PRO B 9 -6.64 -0.68 -7.03
C PRO B 9 -7.53 -1.62 -6.21
N ILE B 10 -8.83 -1.39 -6.28
CA ILE B 10 -9.86 -2.19 -5.64
C ILE B 10 -10.25 -3.34 -6.57
N VAL B 11 -10.20 -4.56 -6.05
CA VAL B 11 -10.57 -5.72 -6.83
C VAL B 11 -11.62 -6.55 -6.07
N THR B 12 -12.26 -7.44 -6.80
CA THR B 12 -13.23 -8.37 -6.23
C THR B 12 -12.50 -9.63 -5.79
N ILE B 13 -12.77 -10.05 -4.56
CA ILE B 13 -12.18 -11.30 -4.11
C ILE B 13 -13.31 -12.27 -3.78
N LYS B 14 -13.06 -13.55 -3.97
CA LYS B 14 -14.08 -14.50 -3.56
C LYS B 14 -13.59 -15.20 -2.30
N ILE B 15 -14.26 -14.96 -1.18
CA ILE B 15 -13.83 -15.71 -0.01
C ILE B 15 -15.07 -16.37 0.60
N GLY B 16 -15.00 -17.68 0.67
CA GLY B 16 -15.98 -18.62 1.14
C GLY B 16 -17.39 -18.41 0.63
N GLY B 17 -17.65 -18.73 -0.63
CA GLY B 17 -18.97 -18.58 -1.22
C GLY B 17 -19.51 -17.18 -0.98
N GLN B 18 -18.59 -16.22 -1.04
CA GLN B 18 -18.94 -14.83 -0.79
C GLN B 18 -18.01 -13.90 -1.57
N LEU B 19 -18.61 -13.00 -2.34
CA LEU B 19 -17.85 -12.01 -3.10
C LEU B 19 -17.66 -10.74 -2.28
N LYS B 20 -16.45 -10.20 -2.26
CA LYS B 20 -16.19 -8.96 -1.54
C LYS B 20 -15.27 -8.05 -2.36
N GLU B 21 -15.10 -6.83 -1.84
CA GLU B 21 -14.20 -5.87 -2.45
C GLU B 21 -12.97 -5.62 -1.58
N ALA B 22 -11.79 -5.64 -2.19
CA ALA B 22 -10.59 -5.40 -1.37
C ALA B 22 -9.56 -4.57 -2.13
N LEU B 23 -8.76 -3.81 -1.38
CA LEU B 23 -7.71 -2.98 -1.99
C LEU B 23 -6.37 -3.68 -2.06
N LEU B 24 -5.75 -3.73 -3.24
CA LEU B 24 -4.42 -4.36 -3.34
C LEU B 24 -3.37 -3.39 -2.80
N ASN B 25 -2.84 -3.70 -1.63
CA ASN B 25 -2.00 -2.76 -0.90
C ASN B 25 -0.58 -3.25 -0.71
N THR B 26 0.38 -2.83 -1.54
CA THR B 26 1.76 -3.26 -1.42
C THR B 26 2.44 -2.72 -0.17
N GLY B 27 1.84 -1.72 0.45
CA GLY B 27 2.27 -1.18 1.72
C GLY B 27 1.83 -2.05 2.89
N ALA B 28 1.05 -3.10 2.64
CA ALA B 28 0.61 -3.96 3.77
C ALA B 28 1.26 -5.33 3.72
N ASP B 29 1.83 -5.83 4.81
CA ASP B 29 2.47 -7.17 4.74
C ASP B 29 1.43 -8.28 4.66
N ASP B 30 0.31 -8.11 5.37
CA ASP B 30 -0.71 -9.12 5.52
C ASP B 30 -2.08 -8.74 4.95
N THR B 31 -2.92 -9.77 4.86
CA THR B 31 -4.28 -9.57 4.35
C THR B 31 -5.23 -9.52 5.53
N VAL B 32 -5.99 -8.43 5.64
CA VAL B 32 -6.93 -8.26 6.73
C VAL B 32 -8.33 -8.03 6.16
N LEU B 33 -9.29 -8.75 6.70
CA LEU B 33 -10.64 -8.65 6.16
C LEU B 33 -11.62 -8.36 7.29
N GLU B 34 -12.68 -7.64 6.94
CA GLU B 34 -13.73 -7.34 7.91
C GLU B 34 -14.41 -8.65 8.31
N GLU B 35 -14.82 -8.78 9.56
CA GLU B 35 -15.33 -10.00 10.15
C GLU B 35 -16.21 -10.79 9.17
N VAL B 36 -15.86 -12.06 9.06
CA VAL B 36 -16.49 -13.09 8.24
C VAL B 36 -16.29 -14.42 8.96
N ASN B 37 -17.22 -15.34 8.83
CA ASN B 37 -17.19 -16.55 9.65
C ASN B 37 -16.40 -17.68 9.01
N LEU B 38 -15.12 -17.47 8.75
CA LEU B 38 -14.31 -18.56 8.25
C LEU B 38 -14.37 -19.74 9.21
N PRO B 39 -14.45 -20.95 8.68
CA PRO B 39 -14.51 -22.14 9.54
C PRO B 39 -13.17 -22.59 10.09
N GLY B 40 -13.26 -23.38 11.17
CA GLY B 40 -12.12 -24.11 11.64
C GLY B 40 -11.32 -23.38 12.70
N ARG B 41 -10.13 -23.92 12.95
CA ARG B 41 -9.28 -23.34 13.99
C ARG B 41 -8.62 -22.07 13.46
N TRP B 42 -8.24 -21.24 14.42
CA TRP B 42 -7.63 -19.95 14.16
C TRP B 42 -6.77 -19.58 15.38
N LYS B 43 -5.78 -18.74 15.14
CA LYS B 43 -4.84 -18.22 16.12
C LYS B 43 -5.04 -16.72 16.32
N PRO B 44 -5.02 -16.27 17.56
CA PRO B 44 -5.01 -14.82 17.82
C PRO B 44 -3.76 -14.16 17.22
N LYS B 45 -3.94 -12.95 16.69
CA LYS B 45 -2.86 -12.17 16.11
C LYS B 45 -3.02 -10.68 16.41
N LEU B 46 -1.94 -10.02 16.79
CA LEU B 46 -1.93 -8.57 16.98
C LEU B 46 -1.40 -7.89 15.72
N ILE B 47 -2.13 -6.91 15.23
CA ILE B 47 -1.67 -6.17 14.06
C ILE B 47 -1.65 -4.68 14.39
N GLY B 48 -1.12 -3.86 13.48
CA GLY B 48 -1.10 -2.42 13.75
C GLY B 48 0.04 -2.16 14.72
N GLY B 49 -0.21 -1.48 15.83
CA GLY B 49 0.82 -1.23 16.81
C GLY B 49 0.94 0.23 17.21
N ILE B 50 0.87 1.15 16.23
CA ILE B 50 1.08 2.53 16.69
C ILE B 50 -0.17 3.03 17.38
N GLY B 51 0.04 3.31 18.66
CA GLY B 51 -1.00 3.78 19.56
C GLY B 51 -1.62 2.61 20.31
N GLY B 52 -1.11 1.42 20.01
CA GLY B 52 -1.66 0.19 20.57
C GLY B 52 -1.92 -0.82 19.47
N PHE B 53 -2.19 -2.07 19.80
CA PHE B 53 -2.44 -3.05 18.74
C PHE B 53 -3.92 -3.39 18.67
N VAL B 54 -4.28 -4.00 17.56
CA VAL B 54 -5.66 -4.47 17.38
C VAL B 54 -5.59 -5.99 17.29
N LYS B 55 -6.50 -6.71 17.96
CA LYS B 55 -6.37 -8.17 17.85
C LYS B 55 -7.29 -8.68 16.75
N VAL B 56 -6.75 -9.62 15.98
CA VAL B 56 -7.57 -10.20 14.91
C VAL B 56 -7.46 -11.72 15.01
N ARG B 57 -8.14 -12.44 14.13
CA ARG B 57 -7.95 -13.90 14.16
C ARG B 57 -7.17 -14.33 12.93
N GLN B 58 -6.15 -15.14 13.13
CA GLN B 58 -5.37 -15.62 11.98
C GLN B 58 -5.88 -16.98 11.50
N TYR B 59 -6.35 -17.02 10.28
CA TYR B 59 -6.74 -18.22 9.57
C TYR B 59 -5.67 -18.59 8.56
N ASP B 60 -5.15 -19.82 8.64
CA ASP B 60 -4.16 -20.25 7.67
C ASP B 60 -4.77 -21.04 6.51
N GLN B 61 -3.94 -21.19 5.47
CA GLN B 61 -4.27 -21.95 4.27
C GLN B 61 -5.70 -21.78 3.78
N VAL B 62 -6.15 -20.53 3.78
CA VAL B 62 -7.51 -20.23 3.34
C VAL B 62 -7.57 -20.18 1.83
N PRO B 63 -8.57 -20.81 1.23
CA PRO B 63 -8.77 -20.72 -0.23
C PRO B 63 -9.44 -19.39 -0.55
N ILE B 64 -8.85 -18.66 -1.49
CA ILE B 64 -9.49 -17.41 -1.87
C ILE B 64 -9.18 -17.09 -3.33
N GLU B 65 -10.09 -16.35 -3.95
CA GLU B 65 -10.01 -16.07 -5.37
C GLU B 65 -9.95 -14.55 -5.57
N ILE B 66 -9.02 -14.18 -6.43
CA ILE B 66 -8.71 -12.78 -6.70
C ILE B 66 -8.68 -12.60 -8.21
N CYS B 67 -9.70 -11.90 -8.70
CA CYS B 67 -9.91 -11.78 -10.13
C CYS B 67 -9.80 -13.14 -10.81
N GLY B 68 -10.51 -14.14 -10.29
CA GLY B 68 -10.45 -15.45 -10.91
C GLY B 68 -9.15 -16.18 -10.73
N HIS B 69 -8.28 -15.72 -9.86
CA HIS B 69 -7.09 -16.51 -9.54
C HIS B 69 -7.34 -17.20 -8.21
N LYS B 70 -7.39 -18.53 -8.21
CA LYS B 70 -7.61 -19.20 -6.92
C LYS B 70 -6.26 -19.41 -6.23
N VAL B 71 -6.20 -18.96 -4.99
CA VAL B 71 -4.96 -19.01 -4.19
C VAL B 71 -5.24 -19.63 -2.84
N ILE B 72 -4.22 -20.14 -2.15
CA ILE B 72 -4.33 -20.55 -0.76
C ILE B 72 -3.53 -19.62 0.12
N GLY B 73 -4.11 -18.98 1.16
CA GLY B 73 -3.22 -18.12 1.93
C GLY B 73 -3.74 -17.74 3.30
N THR B 74 -2.90 -17.06 4.08
CA THR B 74 -3.25 -16.61 5.43
C THR B 74 -4.15 -15.38 5.30
N VAL B 75 -5.28 -15.44 6.01
CA VAL B 75 -6.20 -14.28 6.00
C VAL B 75 -6.40 -13.88 7.46
N LEU B 76 -6.28 -12.57 7.72
CA LEU B 76 -6.51 -12.04 9.06
C LEU B 76 -7.94 -11.50 9.06
N VAL B 77 -8.70 -11.89 10.08
CA VAL B 77 -10.12 -11.52 10.13
C VAL B 77 -10.42 -10.68 11.37
N GLY B 78 -10.85 -9.45 11.10
CA GLY B 78 -11.18 -8.47 12.12
C GLY B 78 -11.36 -7.06 11.59
N PRO B 79 -11.63 -6.15 12.52
CA PRO B 79 -11.90 -4.75 12.19
C PRO B 79 -10.83 -4.13 11.31
N THR B 80 -11.30 -3.32 10.36
CA THR B 80 -10.37 -2.72 9.40
C THR B 80 -11.20 -1.74 8.56
N PRO B 81 -10.67 -0.52 8.46
CA PRO B 81 -11.26 0.58 7.70
C PRO B 81 -11.70 0.18 6.29
N ALA B 82 -11.09 -0.84 5.71
CA ALA B 82 -11.51 -1.52 4.51
C ALA B 82 -10.84 -2.88 4.41
N ASN B 83 -11.32 -3.71 3.50
CA ASN B 83 -10.68 -4.99 3.23
C ASN B 83 -9.33 -4.72 2.57
N VAL B 84 -8.30 -5.38 3.05
CA VAL B 84 -6.99 -5.10 2.46
C VAL B 84 -6.30 -6.38 2.02
N ILE B 85 -5.94 -6.44 0.75
CA ILE B 85 -5.15 -7.55 0.27
C ILE B 85 -3.67 -7.17 0.34
N GLY B 86 -2.91 -7.83 1.19
CA GLY B 86 -1.51 -7.53 1.41
C GLY B 86 -0.55 -8.35 0.56
N ARG B 87 0.74 -8.16 0.82
CA ARG B 87 1.79 -8.77 0.03
C ARG B 87 1.76 -10.28 0.12
N ASN B 88 1.27 -10.82 1.23
CA ASN B 88 1.23 -12.27 1.42
C ASN B 88 0.42 -12.94 0.32
N LEU B 89 -0.72 -12.34 -0.06
CA LEU B 89 -1.54 -12.93 -1.13
C LEU B 89 -1.08 -12.47 -2.49
N MET B 90 -0.56 -11.25 -2.58
CA MET B 90 -0.09 -10.86 -3.92
C MET B 90 1.06 -11.72 -4.38
N THR B 91 1.89 -12.29 -3.50
CA THR B 91 2.87 -13.20 -4.08
C THR B 91 2.19 -14.50 -4.52
N GLN B 92 1.09 -14.85 -3.88
CA GLN B 92 0.47 -16.14 -4.21
C GLN B 92 -0.11 -16.08 -5.61
N ILE B 93 -0.67 -14.92 -5.97
CA ILE B 93 -1.26 -14.78 -7.30
C ILE B 93 -0.21 -14.35 -8.33
N GLY B 94 1.05 -14.27 -7.91
CA GLY B 94 2.12 -13.85 -8.83
C GLY B 94 1.99 -12.39 -9.19
N CYS B 95 1.65 -11.51 -8.23
CA CYS B 95 1.46 -10.11 -8.63
C CYS B 95 2.73 -9.31 -8.34
N THR B 96 3.19 -8.56 -9.34
CA THR B 96 4.39 -7.74 -9.18
C THR B 96 4.19 -6.27 -9.57
N LEU B 97 5.13 -5.44 -9.11
CA LEU B 97 5.19 -4.05 -9.54
C LEU B 97 6.10 -3.91 -10.75
N ASN B 98 5.62 -3.33 -11.84
CA ASN B 98 6.40 -3.18 -13.07
C ASN B 98 6.45 -1.74 -13.57
N PHE B 99 7.61 -1.35 -14.06
CA PHE B 99 7.76 -0.05 -14.71
C PHE B 99 9.14 0.11 -15.38
C1 GLC C . 12.67 14.04 11.75
C2 GLC C . 13.03 15.17 12.69
C3 GLC C . 11.80 15.95 13.15
C4 GLC C . 10.92 16.31 11.95
C5 GLC C . 10.61 15.03 11.17
C6 GLC C . 9.68 15.28 10.00
O1 GLC C . 13.82 13.50 11.20
O2 GLC C . 13.77 14.69 13.80
O3 GLC C . 12.22 17.15 13.79
O4 GLC C . 9.71 16.92 12.37
O5 GLC C . 11.85 14.49 10.68
O6 GLC C . 9.10 14.05 9.53
#